data_4OHY
#
_entry.id   4OHY
#
_cell.length_a   100.434
_cell.length_b   100.434
_cell.length_c   40.333
_cell.angle_alpha   90.00
_cell.angle_beta   90.00
_cell.angle_gamma   120.00
#
_symmetry.space_group_name_H-M   'P 31'
#
loop_
_entity.id
_entity.type
_entity.pdbx_description
1 polymer 'Protein clpf-1'
2 polymer "RNA (5'-R(*GP*C)-3')"
3 non-polymer 'PHOSPHOAMINOPHOSPHONIC ACID-ADENYLATE ESTER'
4 non-polymer 'MAGNESIUM ION'
5 non-polymer 'NONAETHYLENE GLYCOL'
6 water water
#
loop_
_entity_poly.entity_id
_entity_poly.type
_entity_poly.pdbx_seq_one_letter_code
_entity_poly.pdbx_strand_id
1 'polypeptide(L)'
;GSHMSEENVQEFVLKEDCELRFAAGDDSDVCLELVKGYAEIFGTELLLNKKYTFPAKSRVAAFTWKGATIELVGTTESAY
VAESTPMVIYLNIHAAMEEVRKKREEQAAGNSNKAKGPRLLLVGPTDVGKTTVSRILCNYSVRQGRTPIFVELDVGQNSV
SVPGTVAAVLVQKTADVIDGFERNQPIVFNFGHTSPSANLSLYEALFKEMATTLNAQIQENDEAKIGGMIINTCGWVDGE
GYKCIVKAASAFEVDVVIVLDHERLYSDLSKELPEFVRLTHVPKSGGVEQRTGQIRSKMRGENVHRYFYGTRANNLYPFT
FDVSFDDVTLCKIGAEQLPDSCLPFGMEVENHETKLVIMEPSADIKHHLFAFSRSTKADENVLKSPVFGFCLVTEVDLEK
RTMSILCPQRTIPSKVLVFSDITHLDDQIKR
;
A
2 'polyribonucleotide' GC B
#
loop_
_chem_comp.id
_chem_comp.type
_chem_comp.name
_chem_comp.formula
2PE non-polymer 'NONAETHYLENE GLYCOL' 'C18 H38 O10'
ANP non-polymer 'PHOSPHOAMINOPHOSPHONIC ACID-ADENYLATE ESTER' 'C10 H17 N6 O12 P3'
C RNA linking CYTIDINE-5'-MONOPHOSPHATE 'C9 H14 N3 O8 P'
G RNA linking GUANOSINE-5'-MONOPHOSPHATE 'C10 H14 N5 O8 P'
MG non-polymer 'MAGNESIUM ION' 'Mg 2'
#
# COMPACT_ATOMS: atom_id res chain seq x y z
N GLU A 6 26.79 9.80 -12.77
CA GLU A 6 26.22 8.58 -13.43
C GLU A 6 27.33 7.81 -14.18
N GLU A 7 28.40 7.49 -13.46
CA GLU A 7 29.63 6.99 -14.08
C GLU A 7 30.64 6.53 -13.03
N ASN A 8 30.74 7.26 -11.92
CA ASN A 8 31.53 6.82 -10.76
C ASN A 8 30.87 5.66 -10.03
N VAL A 9 31.71 4.83 -9.41
CA VAL A 9 31.31 3.48 -9.01
C VAL A 9 31.70 3.20 -7.57
N GLN A 10 30.83 2.53 -6.85
CA GLN A 10 31.13 2.12 -5.49
C GLN A 10 30.89 0.63 -5.37
N GLU A 11 31.82 -0.08 -4.76
CA GLU A 11 31.71 -1.54 -4.65
C GLU A 11 31.56 -1.91 -3.19
N PHE A 12 30.71 -2.89 -2.90
CA PHE A 12 30.45 -3.23 -1.51
C PHE A 12 30.48 -4.73 -1.34
N VAL A 13 31.10 -5.18 -0.24
CA VAL A 13 31.08 -6.59 0.13
C VAL A 13 30.18 -6.70 1.35
N LEU A 14 29.16 -7.55 1.28
CA LEU A 14 28.24 -7.77 2.41
C LEU A 14 28.44 -9.15 2.99
N LYS A 15 28.71 -9.23 4.29
CA LYS A 15 28.80 -10.51 4.97
C LYS A 15 27.40 -11.08 5.12
N GLU A 16 27.29 -12.34 5.52
CA GLU A 16 25.97 -12.91 5.79
C GLU A 16 25.21 -12.00 6.75
N ASP A 17 23.91 -11.87 6.50
CA ASP A 17 22.97 -11.13 7.36
C ASP A 17 23.25 -9.61 7.43
N CYS A 18 23.82 -9.06 6.35
CA CYS A 18 24.12 -7.62 6.27
C CYS A 18 23.29 -7.01 5.15
N GLU A 19 23.04 -5.71 5.23
CA GLU A 19 22.41 -5.06 4.09
C GLU A 19 23.11 -3.80 3.69
N LEU A 20 23.14 -3.56 2.39
CA LEU A 20 23.58 -2.30 1.85
C LEU A 20 22.42 -1.34 1.83
N ARG A 21 22.54 -0.25 2.58
CA ARG A 21 21.53 0.81 2.60
C ARG A 21 22.05 1.99 1.81
N PHE A 22 21.26 2.46 0.86
CA PHE A 22 21.70 3.61 0.10
C PHE A 22 20.51 4.50 -0.27
N ALA A 23 20.80 5.77 -0.51
CA ALA A 23 19.84 6.71 -1.01
C ALA A 23 20.43 7.37 -2.24
N ALA A 24 19.63 7.41 -3.30
CA ALA A 24 20.02 8.10 -4.53
C ALA A 24 20.09 9.59 -4.28
N GLY A 25 21.00 10.26 -4.98
CA GLY A 25 21.13 11.70 -4.90
C GLY A 25 19.82 12.36 -5.25
N ASP A 26 19.67 13.62 -4.85
CA ASP A 26 18.48 14.39 -5.18
C ASP A 26 18.38 14.60 -6.69
N ASP A 27 19.51 14.50 -7.38
CA ASP A 27 19.63 14.92 -8.77
C ASP A 27 19.69 13.84 -9.86
N SER A 28 19.97 12.59 -9.48
CA SER A 28 20.20 11.55 -10.49
C SER A 28 19.83 10.13 -10.06
N ASP A 29 19.81 9.23 -11.04
CA ASP A 29 19.60 7.80 -10.81
C ASP A 29 20.80 7.14 -10.13
N VAL A 30 20.55 6.03 -9.44
CA VAL A 30 21.60 5.11 -9.00
C VAL A 30 21.29 3.75 -9.55
N CYS A 31 22.27 3.12 -10.18
CA CYS A 31 22.07 1.79 -10.72
CA CYS A 31 22.10 1.78 -10.73
C CYS A 31 22.78 0.74 -9.86
N LEU A 32 22.02 -0.23 -9.38
CA LEU A 32 22.55 -1.28 -8.53
C LEU A 32 22.75 -2.56 -9.33
N GLU A 33 23.85 -3.26 -9.10
CA GLU A 33 24.05 -4.59 -9.69
C GLU A 33 24.65 -5.55 -8.68
N LEU A 34 23.97 -6.67 -8.51
CA LEU A 34 24.47 -7.78 -7.71
C LEU A 34 25.52 -8.49 -8.56
N VAL A 35 26.77 -8.54 -8.09
CA VAL A 35 27.81 -9.16 -8.91
C VAL A 35 28.29 -10.51 -8.41
N LYS A 36 27.96 -10.88 -7.18
CA LYS A 36 28.35 -12.17 -6.62
CA LYS A 36 28.32 -12.19 -6.65
C LYS A 36 27.39 -12.52 -5.51
N GLY A 37 26.98 -13.78 -5.45
CA GLY A 37 26.14 -14.24 -4.35
C GLY A 37 24.67 -13.97 -4.57
N TYR A 38 23.96 -13.79 -3.47
CA TYR A 38 22.51 -13.65 -3.49
C TYR A 38 22.11 -12.49 -2.63
N ALA A 39 21.05 -11.81 -3.03
CA ALA A 39 20.54 -10.66 -2.27
C ALA A 39 19.08 -10.40 -2.62
N GLU A 40 18.40 -9.65 -1.77
CA GLU A 40 17.00 -9.31 -1.97
C GLU A 40 16.75 -7.86 -1.55
N ILE A 41 15.75 -7.22 -2.15
CA ILE A 41 15.39 -5.86 -1.73
C ILE A 41 13.94 -5.93 -1.28
N PHE A 42 13.75 -5.66 0.01
CA PHE A 42 12.43 -5.75 0.66
C PHE A 42 11.69 -7.03 0.27
N GLY A 43 12.45 -8.12 0.20
CA GLY A 43 11.87 -9.46 0.05
C GLY A 43 11.89 -9.97 -1.37
N THR A 44 12.18 -9.13 -2.36
CA THR A 44 12.24 -9.62 -3.73
C THR A 44 13.68 -9.99 -4.05
N GLU A 45 13.89 -11.22 -4.52
CA GLU A 45 15.25 -11.67 -4.86
CA GLU A 45 15.23 -11.71 -4.88
C GLU A 45 15.79 -10.88 -6.04
N LEU A 46 17.06 -10.47 -5.94
CA LEU A 46 17.74 -9.82 -7.10
C LEU A 46 18.27 -10.84 -8.04
N LEU A 47 18.29 -10.52 -9.34
CA LEU A 47 18.88 -11.40 -10.33
CA LEU A 47 18.89 -11.40 -10.34
C LEU A 47 20.36 -11.04 -10.51
N LEU A 48 21.23 -12.03 -10.45
CA LEU A 48 22.67 -11.81 -10.60
C LEU A 48 22.96 -11.07 -11.90
N ASN A 49 23.78 -10.01 -11.80
CA ASN A 49 24.22 -9.19 -12.95
C ASN A 49 23.12 -8.41 -13.69
N LYS A 50 21.89 -8.42 -13.17
CA LYS A 50 20.86 -7.54 -13.68
C LYS A 50 21.08 -6.14 -13.12
N LYS A 51 20.95 -5.14 -13.99
CA LYS A 51 21.14 -3.75 -13.58
C LYS A 51 19.79 -3.16 -13.19
N TYR A 52 19.68 -2.70 -11.95
CA TYR A 52 18.44 -2.12 -11.43
C TYR A 52 18.63 -0.61 -11.27
N THR A 53 17.90 0.16 -12.06
CA THR A 53 18.04 1.62 -12.04
C THR A 53 17.00 2.25 -11.11
N PHE A 54 17.51 2.90 -10.06
CA PHE A 54 16.66 3.55 -9.06
C PHE A 54 16.65 5.06 -9.27
N PRO A 55 15.46 5.67 -9.22
CA PRO A 55 15.39 7.11 -9.49
C PRO A 55 15.87 7.95 -8.32
N ALA A 56 16.12 9.23 -8.61
CA ALA A 56 16.47 10.25 -7.61
C ALA A 56 15.67 10.09 -6.32
N LYS A 57 16.37 10.23 -5.20
CA LYS A 57 15.77 10.11 -3.86
C LYS A 57 15.21 8.74 -3.45
N SER A 58 15.45 7.69 -4.24
CA SER A 58 15.15 6.33 -3.78
C SER A 58 15.89 6.04 -2.48
N ARG A 59 15.22 5.33 -1.57
CA ARG A 59 15.85 4.85 -0.35
C ARG A 59 15.63 3.34 -0.28
N VAL A 60 16.74 2.58 -0.22
CA VAL A 60 16.75 1.16 -0.56
C VAL A 60 17.70 0.38 0.36
N ALA A 61 17.32 -0.84 0.71
CA ALA A 61 18.22 -1.75 1.39
C ALA A 61 18.29 -3.03 0.60
N ALA A 62 19.49 -3.47 0.25
CA ALA A 62 19.67 -4.78 -0.33
C ALA A 62 20.34 -5.66 0.72
N PHE A 63 19.60 -6.69 1.14
CA PHE A 63 19.94 -7.55 2.25
C PHE A 63 20.37 -8.90 1.69
N THR A 64 21.32 -9.55 2.34
CA THR A 64 21.75 -10.88 1.93
C THR A 64 21.74 -11.83 3.13
N TRP A 65 21.17 -13.03 2.94
CA TRP A 65 21.22 -14.07 3.98
C TRP A 65 22.57 -14.78 4.03
N LYS A 66 23.28 -14.81 2.91
CA LYS A 66 24.47 -15.65 2.78
C LYS A 66 25.75 -14.89 2.43
N GLY A 67 25.61 -13.66 1.97
CA GLY A 67 26.81 -12.89 1.56
C GLY A 67 26.69 -12.51 0.10
N ALA A 68 27.12 -11.29 -0.23
CA ALA A 68 26.98 -10.78 -1.58
C ALA A 68 28.00 -9.69 -1.88
N THR A 69 28.26 -9.49 -3.16
CA THR A 69 29.01 -8.32 -3.61
C THR A 69 28.12 -7.50 -4.53
N ILE A 70 28.04 -6.21 -4.24
CA ILE A 70 27.14 -5.33 -4.96
C ILE A 70 27.86 -4.06 -5.44
N GLU A 71 27.60 -3.70 -6.70
CA GLU A 71 28.13 -2.46 -7.31
C GLU A 71 27.02 -1.40 -7.40
N LEU A 72 27.34 -0.15 -7.07
CA LEU A 72 26.42 0.97 -7.34
C LEU A 72 27.11 1.93 -8.28
N VAL A 73 26.39 2.31 -9.34
CA VAL A 73 26.92 3.23 -10.31
C VAL A 73 26.08 4.50 -10.21
N GLY A 74 26.75 5.64 -10.02
CA GLY A 74 26.10 6.95 -9.95
C GLY A 74 26.17 7.57 -8.57
N THR A 75 25.84 8.86 -8.47
CA THR A 75 25.94 9.59 -7.22
C THR A 75 24.94 9.12 -6.19
N THR A 76 25.42 8.89 -4.97
CA THR A 76 24.57 8.51 -3.85
C THR A 76 24.63 9.63 -2.82
N GLU A 77 23.54 9.82 -2.08
CA GLU A 77 23.54 10.75 -0.98
C GLU A 77 24.17 10.06 0.23
N SER A 78 24.05 8.74 0.28
CA SER A 78 24.54 7.92 1.37
C SER A 78 24.54 6.47 0.89
N ALA A 79 25.53 5.71 1.32
CA ALA A 79 25.63 4.30 0.98
C ALA A 79 26.55 3.68 2.01
N TYR A 80 26.03 2.70 2.73
CA TYR A 80 26.80 1.99 3.75
C TYR A 80 26.21 0.60 3.99
N VAL A 81 27.05 -0.29 4.48
CA VAL A 81 26.63 -1.65 4.86
C VAL A 81 26.28 -1.69 6.35
N ALA A 82 25.06 -2.14 6.67
CA ALA A 82 24.64 -2.28 8.05
C ALA A 82 24.73 -3.76 8.42
N GLU A 83 25.26 -4.05 9.59
CA GLU A 83 25.58 -5.44 9.98
C GLU A 83 24.55 -6.03 10.95
N SER A 84 23.58 -5.21 11.33
CA SER A 84 22.57 -5.61 12.29
C SER A 84 21.23 -5.09 11.78
N THR A 85 20.30 -6.02 11.57
CA THR A 85 18.99 -5.72 11.04
C THR A 85 18.02 -6.62 11.81
N PRO A 86 16.71 -6.31 11.74
CA PRO A 86 15.66 -7.17 12.26
C PRO A 86 15.15 -8.22 11.26
N MET A 87 15.91 -8.49 10.20
CA MET A 87 15.42 -9.34 9.10
C MET A 87 15.00 -10.75 9.54
N VAL A 88 15.74 -11.36 10.47
CA VAL A 88 15.34 -12.70 10.92
C VAL A 88 13.98 -12.65 11.63
N ILE A 89 13.72 -11.53 12.31
CA ILE A 89 12.43 -11.37 13.00
C ILE A 89 11.31 -11.47 11.96
N TYR A 90 11.49 -10.72 10.86
CA TYR A 90 10.51 -10.60 9.79
C TYR A 90 10.32 -11.98 9.15
N LEU A 91 11.43 -12.72 8.95
CA LEU A 91 11.38 -14.10 8.43
C LEU A 91 10.66 -15.04 9.37
N ASN A 92 10.87 -14.86 10.67
CA ASN A 92 10.22 -15.76 11.62
C ASN A 92 8.72 -15.50 11.72
N ILE A 93 8.31 -14.25 11.47
CA ILE A 93 6.87 -13.94 11.37
C ILE A 93 6.25 -14.68 10.19
N HIS A 94 6.92 -14.61 9.05
CA HIS A 94 6.49 -15.35 7.89
C HIS A 94 6.44 -16.83 8.22
N ALA A 95 7.51 -17.36 8.84
CA ALA A 95 7.57 -18.79 9.14
C ALA A 95 6.40 -19.22 10.00
N ALA A 96 6.05 -18.42 11.01
CA ALA A 96 4.96 -18.76 11.91
C ALA A 96 3.61 -18.78 11.18
N MET A 97 3.42 -17.80 10.30
CA MET A 97 2.19 -17.73 9.50
C MET A 97 2.02 -18.98 8.62
N GLU A 98 3.10 -19.40 8.00
CA GLU A 98 3.08 -20.57 7.12
C GLU A 98 2.75 -21.82 7.95
N GLU A 99 3.33 -21.92 9.15
CA GLU A 99 3.00 -23.01 10.07
C GLU A 99 1.50 -23.08 10.35
N VAL A 100 0.90 -21.92 10.63
CA VAL A 100 -0.55 -21.84 10.83
C VAL A 100 -1.32 -22.35 9.61
N ARG A 101 -0.91 -21.91 8.41
CA ARG A 101 -1.52 -22.37 7.17
C ARG A 101 -1.51 -23.90 7.05
N LYS A 102 -0.36 -24.50 7.35
CA LYS A 102 -0.16 -25.94 7.23
C LYS A 102 -1.03 -26.69 8.21
N LYS A 103 -1.07 -26.23 9.47
CA LYS A 103 -1.97 -26.77 10.50
C LYS A 103 -3.43 -26.75 10.09
N ARG A 104 -3.86 -25.62 9.51
CA ARG A 104 -5.25 -25.47 9.10
C ARG A 104 -5.56 -26.25 7.82
N GLU A 105 -4.52 -26.50 7.00
CA GLU A 105 -4.67 -27.32 5.81
C GLU A 105 -4.92 -28.78 6.18
N GLU A 106 -4.14 -29.30 7.12
CA GLU A 106 -4.33 -30.67 7.64
C GLU A 106 -5.62 -30.84 8.43
N GLN A 107 -6.11 -29.77 9.04
CA GLN A 107 -7.39 -29.80 9.76
C GLN A 107 -8.60 -29.88 8.83
N ALA A 108 -8.44 -29.37 7.61
CA ALA A 108 -9.57 -29.16 6.69
C ALA A 108 -9.99 -30.44 5.93
N LYS A 114 -12.91 -25.57 3.60
CA LYS A 114 -11.60 -25.13 3.08
C LYS A 114 -10.85 -24.25 4.09
N ALA A 115 -9.55 -24.51 4.20
CA ALA A 115 -8.67 -23.85 5.17
C ALA A 115 -8.60 -22.33 5.03
N LYS A 116 -8.63 -21.65 6.18
CA LYS A 116 -8.54 -20.19 6.22
C LYS A 116 -7.14 -19.78 6.65
N GLY A 117 -6.50 -18.94 5.84
CA GLY A 117 -5.17 -18.44 6.15
C GLY A 117 -5.16 -17.48 7.33
N PRO A 118 -4.00 -17.35 8.00
CA PRO A 118 -3.81 -16.40 9.08
C PRO A 118 -3.96 -14.94 8.62
N ARG A 119 -4.41 -14.09 9.52
CA ARG A 119 -4.57 -12.68 9.20
C ARG A 119 -3.72 -11.87 10.16
N LEU A 120 -2.89 -11.03 9.56
CA LEU A 120 -1.91 -10.30 10.31
C LEU A 120 -2.16 -8.80 10.20
N LEU A 121 -2.23 -8.13 11.35
CA LEU A 121 -2.40 -6.69 11.37
C LEU A 121 -1.10 -6.06 11.79
N LEU A 122 -0.60 -5.16 10.94
CA LEU A 122 0.64 -4.45 11.29
C LEU A 122 0.25 -3.09 11.82
N VAL A 123 0.77 -2.73 12.99
CA VAL A 123 0.40 -1.43 13.61
C VAL A 123 1.64 -0.72 14.15
N GLY A 124 1.52 0.59 14.34
CA GLY A 124 2.60 1.35 14.90
C GLY A 124 2.58 2.77 14.34
N PRO A 125 3.40 3.64 14.90
CA PRO A 125 3.31 5.05 14.54
C PRO A 125 3.96 5.28 13.18
N THR A 126 3.94 6.52 12.71
CA THR A 126 4.51 6.80 11.39
C THR A 126 6.03 6.52 11.35
N ASP A 127 6.47 6.10 10.18
CA ASP A 127 7.88 5.86 9.87
C ASP A 127 8.62 4.92 10.80
N VAL A 128 8.02 3.77 10.98
CA VAL A 128 8.67 2.66 11.66
C VAL A 128 8.91 1.53 10.66
N GLY A 129 8.64 1.77 9.38
CA GLY A 129 8.86 0.78 8.35
C GLY A 129 7.70 -0.18 8.14
N LYS A 130 6.48 0.28 8.44
CA LYS A 130 5.34 -0.62 8.35
C LYS A 130 5.06 -1.10 6.93
N THR A 131 5.07 -0.18 5.98
CA THR A 131 4.82 -0.56 4.59
C THR A 131 5.92 -1.53 4.10
N THR A 132 7.17 -1.22 4.44
CA THR A 132 8.31 -2.07 4.05
C THR A 132 8.16 -3.47 4.62
N VAL A 133 7.82 -3.54 5.89
CA VAL A 133 7.59 -4.83 6.54
C VAL A 133 6.42 -5.58 5.88
N SER A 134 5.31 -4.88 5.55
CA SER A 134 4.20 -5.54 4.85
CA SER A 134 4.19 -5.51 4.84
C SER A 134 4.68 -6.09 3.52
N ARG A 135 5.54 -5.32 2.81
CA ARG A 135 6.10 -5.76 1.54
C ARG A 135 6.96 -6.99 1.69
N ILE A 136 7.84 -6.98 2.68
CA ILE A 136 8.67 -8.17 2.93
C ILE A 136 7.79 -9.41 3.21
N LEU A 137 6.83 -9.28 4.12
CA LEU A 137 5.94 -10.41 4.46
C LEU A 137 5.13 -10.92 3.26
N CYS A 138 4.56 -10.01 2.45
CA CYS A 138 3.85 -10.43 1.23
C CYS A 138 4.78 -11.16 0.26
N ASN A 139 6.01 -10.65 0.08
CA ASN A 139 6.98 -11.27 -0.83
C ASN A 139 7.35 -12.65 -0.35
N TYR A 140 7.51 -12.80 0.95
CA TYR A 140 7.90 -14.09 1.52
C TYR A 140 6.79 -15.10 1.34
N SER A 141 5.55 -14.67 1.55
CA SER A 141 4.38 -15.50 1.26
CA SER A 141 4.38 -15.50 1.27
C SER A 141 4.36 -15.98 -0.18
N VAL A 142 4.54 -15.05 -1.13
CA VAL A 142 4.59 -15.40 -2.55
C VAL A 142 5.71 -16.41 -2.89
N ARG A 143 6.89 -16.19 -2.31
CA ARG A 143 8.05 -17.04 -2.53
C ARG A 143 7.83 -18.40 -1.90
N GLN A 144 6.89 -18.48 -0.96
CA GLN A 144 6.50 -19.74 -0.35
C GLN A 144 5.46 -20.48 -1.22
N GLY A 145 4.97 -19.81 -2.27
CA GLY A 145 3.97 -20.39 -3.16
C GLY A 145 2.54 -20.03 -2.77
N ARG A 146 2.38 -19.08 -1.84
CA ARG A 146 1.03 -18.65 -1.42
C ARG A 146 0.64 -17.38 -2.17
N THR A 147 -0.65 -17.05 -2.13
CA THR A 147 -1.14 -15.80 -2.66
C THR A 147 -1.92 -15.09 -1.56
N PRO A 148 -1.24 -14.23 -0.78
CA PRO A 148 -1.96 -13.53 0.29
C PRO A 148 -2.68 -12.29 -0.27
N ILE A 149 -3.64 -11.81 0.51
CA ILE A 149 -4.31 -10.57 0.20
C ILE A 149 -3.66 -9.48 1.01
N PHE A 150 -3.18 -8.45 0.33
CA PHE A 150 -2.65 -7.29 1.01
C PHE A 150 -3.74 -6.24 1.16
N VAL A 151 -3.98 -5.80 2.38
CA VAL A 151 -5.06 -4.87 2.68
C VAL A 151 -4.40 -3.57 3.13
N GLU A 152 -4.80 -2.49 2.49
CA GLU A 152 -4.22 -1.20 2.78
C GLU A 152 -5.29 -0.31 3.38
N LEU A 153 -5.12 -0.01 4.68
CA LEU A 153 -6.06 0.83 5.39
C LEU A 153 -5.56 2.27 5.55
N ASP A 154 -4.34 2.54 5.11
CA ASP A 154 -3.73 3.87 5.25
C ASP A 154 -4.22 4.75 4.10
N VAL A 155 -5.12 5.68 4.41
CA VAL A 155 -5.68 6.58 3.42
C VAL A 155 -4.73 7.73 3.04
N GLY A 156 -3.64 7.89 3.78
CA GLY A 156 -2.70 8.98 3.50
C GLY A 156 -1.60 8.50 2.57
N GLN A 157 -0.89 7.48 3.03
CA GLN A 157 0.25 6.92 2.33
C GLN A 157 -0.18 5.53 1.89
N ASN A 158 -0.75 5.45 0.70
CA ASN A 158 -1.43 4.24 0.27
C ASN A 158 -0.59 3.60 -0.82
N SER A 159 -0.24 2.34 -0.67
CA SER A 159 0.62 1.67 -1.65
C SER A 159 -0.18 0.79 -2.64
N VAL A 160 -1.50 0.90 -2.60
CA VAL A 160 -2.36 0.16 -3.55
C VAL A 160 -3.09 1.05 -4.55
N SER A 161 -3.68 2.15 -4.07
CA SER A 161 -4.43 3.05 -4.94
C SER A 161 -4.00 4.50 -4.64
N VAL A 162 -4.81 5.47 -5.05
CA VAL A 162 -4.58 6.87 -4.71
C VAL A 162 -4.79 7.15 -3.20
N PRO A 163 -4.28 8.30 -2.71
CA PRO A 163 -4.64 8.72 -1.35
C PRO A 163 -6.14 8.84 -1.20
N GLY A 164 -6.64 8.69 0.03
CA GLY A 164 -8.06 8.76 0.28
C GLY A 164 -8.81 7.50 -0.10
N THR A 165 -8.11 6.38 -0.19
CA THR A 165 -8.79 5.09 -0.40
C THR A 165 -8.38 4.08 0.64
N VAL A 166 -9.28 3.12 0.83
CA VAL A 166 -9.00 1.87 1.53
C VAL A 166 -9.02 0.82 0.43
N ALA A 167 -8.02 -0.03 0.36
CA ALA A 167 -7.86 -0.92 -0.82
C ALA A 167 -7.25 -2.26 -0.49
N ALA A 168 -7.54 -3.25 -1.34
CA ALA A 168 -7.02 -4.59 -1.14
C ALA A 168 -6.67 -5.23 -2.49
N VAL A 169 -5.67 -6.08 -2.47
CA VAL A 169 -5.16 -6.64 -3.70
C VAL A 169 -4.64 -8.07 -3.42
N LEU A 170 -4.95 -8.98 -4.34
CA LEU A 170 -4.41 -10.32 -4.26
C LEU A 170 -3.00 -10.26 -4.80
N VAL A 171 -2.03 -10.69 -3.98
CA VAL A 171 -0.64 -10.65 -4.38
C VAL A 171 -0.24 -12.00 -4.96
N GLN A 172 0.11 -12.03 -6.25
CA GLN A 172 0.46 -13.28 -6.92
C GLN A 172 1.89 -13.29 -7.45
N LYS A 173 2.56 -12.15 -7.30
CA LYS A 173 3.93 -12.00 -7.78
CA LYS A 173 3.91 -11.94 -7.82
C LYS A 173 4.67 -11.12 -6.79
N THR A 174 5.94 -11.42 -6.58
CA THR A 174 6.77 -10.56 -5.74
C THR A 174 6.78 -9.13 -6.30
N ALA A 175 6.93 -8.15 -5.43
CA ALA A 175 7.08 -6.78 -5.85
C ALA A 175 8.24 -6.60 -6.85
N ASP A 176 8.03 -5.73 -7.83
CA ASP A 176 9.13 -5.29 -8.68
C ASP A 176 10.10 -4.48 -7.77
N VAL A 177 11.41 -4.73 -7.86
CA VAL A 177 12.32 -4.09 -6.88
C VAL A 177 12.21 -2.58 -6.98
N ILE A 178 12.04 -2.09 -8.21
CA ILE A 178 11.93 -0.66 -8.45
C ILE A 178 10.48 -0.17 -8.23
N ASP A 179 9.52 -0.77 -8.94
CA ASP A 179 8.11 -0.30 -8.93
C ASP A 179 7.18 -0.74 -7.80
N GLY A 180 7.56 -1.75 -7.02
CA GLY A 180 6.65 -2.26 -5.99
C GLY A 180 5.66 -3.25 -6.57
N PHE A 181 4.57 -3.54 -5.85
CA PHE A 181 3.67 -4.58 -6.32
C PHE A 181 2.87 -4.16 -7.54
N GLU A 182 2.69 -5.12 -8.44
CA GLU A 182 1.75 -5.00 -9.54
CA GLU A 182 1.78 -4.98 -9.54
C GLU A 182 0.37 -4.99 -8.94
N ARG A 183 -0.40 -3.96 -9.18
CA ARG A 183 -1.73 -3.97 -8.60
CA ARG A 183 -1.75 -3.88 -8.63
C ARG A 183 -2.74 -4.49 -9.62
N ASN A 184 -2.92 -5.81 -9.58
CA ASN A 184 -3.87 -6.52 -10.44
CA ASN A 184 -3.87 -6.51 -10.45
C ASN A 184 -5.29 -6.45 -9.89
N GLN A 185 -6.13 -5.63 -10.52
CA GLN A 185 -7.54 -5.47 -10.13
C GLN A 185 -7.79 -5.38 -8.62
N PRO A 186 -7.36 -4.27 -8.00
CA PRO A 186 -7.59 -4.06 -6.57
C PRO A 186 -9.08 -3.81 -6.30
N ILE A 187 -9.53 -4.14 -5.09
CA ILE A 187 -10.82 -3.71 -4.60
C ILE A 187 -10.55 -2.39 -3.91
N VAL A 188 -11.24 -1.33 -4.34
CA VAL A 188 -10.93 0.02 -3.88
C VAL A 188 -12.19 0.73 -3.39
N PHE A 189 -12.14 1.26 -2.17
CA PHE A 189 -13.20 2.11 -1.64
C PHE A 189 -12.70 3.54 -1.51
N ASN A 190 -13.51 4.47 -2.02
CA ASN A 190 -13.17 5.87 -1.94
C ASN A 190 -13.57 6.43 -0.59
N PHE A 191 -12.59 6.64 0.26
CA PHE A 191 -12.84 7.35 1.52
C PHE A 191 -12.90 8.85 1.26
N GLY A 192 -11.95 9.38 0.50
CA GLY A 192 -12.03 10.77 0.02
C GLY A 192 -11.34 11.80 0.88
N HIS A 193 -10.54 11.34 1.84
CA HIS A 193 -9.77 12.22 2.72
C HIS A 193 -8.41 11.60 3.02
N THR A 194 -7.44 12.42 3.39
CA THR A 194 -6.06 11.92 3.62
C THR A 194 -5.81 11.40 5.04
N SER A 195 -6.77 11.59 5.93
CA SER A 195 -6.69 11.00 7.27
C SER A 195 -8.06 10.52 7.76
N PRO A 196 -8.10 9.42 8.55
CA PRO A 196 -9.36 8.92 9.11
C PRO A 196 -10.12 9.96 9.94
N SER A 197 -9.38 10.84 10.63
CA SER A 197 -9.95 11.89 11.47
C SER A 197 -10.94 12.80 10.73
N ALA A 198 -10.80 12.89 9.41
CA ALA A 198 -11.73 13.72 8.66
C ALA A 198 -13.16 13.15 8.64
N ASN A 199 -13.31 11.83 8.79
CA ASN A 199 -14.63 11.20 8.90
C ASN A 199 -14.52 9.80 9.48
N LEU A 200 -14.47 9.71 10.81
CA LEU A 200 -14.18 8.45 11.50
C LEU A 200 -15.24 7.38 11.27
N SER A 201 -16.51 7.77 11.30
CA SER A 201 -17.58 6.80 11.11
C SER A 201 -17.57 6.22 9.70
N LEU A 202 -17.36 7.04 8.69
CA LEU A 202 -17.21 6.55 7.33
C LEU A 202 -16.00 5.61 7.22
N TYR A 203 -14.85 6.03 7.73
CA TYR A 203 -13.63 5.23 7.68
C TYR A 203 -13.87 3.81 8.25
N GLU A 204 -14.49 3.75 9.45
CA GLU A 204 -14.87 2.47 10.06
C GLU A 204 -15.87 1.69 9.23
N ALA A 205 -16.89 2.36 8.69
CA ALA A 205 -17.85 1.67 7.80
C ALA A 205 -17.12 1.09 6.59
N LEU A 206 -16.20 1.86 6.00
CA LEU A 206 -15.43 1.36 4.85
C LEU A 206 -14.58 0.14 5.17
N PHE A 207 -13.78 0.18 6.23
CA PHE A 207 -12.95 -1.02 6.43
C PHE A 207 -13.76 -2.25 6.82
N LYS A 208 -14.91 -2.02 7.44
CA LYS A 208 -15.82 -3.11 7.77
C LYS A 208 -16.49 -3.62 6.50
N GLU A 209 -16.84 -2.73 5.57
CA GLU A 209 -17.37 -3.17 4.28
C GLU A 209 -16.30 -3.95 3.49
N MET A 210 -15.07 -3.46 3.55
CA MET A 210 -13.94 -4.15 2.95
C MET A 210 -13.81 -5.59 3.47
N ALA A 211 -13.83 -5.74 4.80
CA ALA A 211 -13.74 -7.03 5.47
C ALA A 211 -14.87 -7.97 5.03
N THR A 212 -16.10 -7.46 5.02
CA THR A 212 -17.25 -8.24 4.57
C THR A 212 -17.07 -8.71 3.12
N THR A 213 -16.64 -7.79 2.26
CA THR A 213 -16.45 -8.07 0.84
C THR A 213 -15.40 -9.15 0.64
N LEU A 214 -14.26 -8.99 1.32
CA LEU A 214 -13.16 -9.96 1.27
C LEU A 214 -13.57 -11.34 1.75
N ASN A 215 -14.32 -11.38 2.86
CA ASN A 215 -14.83 -12.65 3.39
C ASN A 215 -15.68 -13.43 2.39
N ALA A 216 -16.54 -12.72 1.67
CA ALA A 216 -17.32 -13.34 0.60
C ALA A 216 -16.44 -13.73 -0.61
N GLN A 217 -15.53 -12.84 -1.03
CA GLN A 217 -14.60 -13.12 -2.14
C GLN A 217 -13.87 -14.44 -1.96
N ILE A 218 -13.29 -14.64 -0.78
CA ILE A 218 -12.45 -15.82 -0.51
C ILE A 218 -13.21 -17.13 -0.42
N GLN A 219 -14.54 -17.06 -0.27
CA GLN A 219 -15.41 -18.23 -0.35
C GLN A 219 -15.39 -18.85 -1.74
N GLU A 220 -15.04 -18.05 -2.74
CA GLU A 220 -15.03 -18.49 -4.14
CA GLU A 220 -15.01 -18.49 -4.14
C GLU A 220 -13.60 -18.76 -4.66
N ASN A 221 -12.60 -18.53 -3.82
CA ASN A 221 -11.20 -18.65 -4.21
C ASN A 221 -10.39 -19.28 -3.09
N ASP A 222 -10.13 -20.58 -3.21
CA ASP A 222 -9.45 -21.31 -2.14
C ASP A 222 -8.00 -20.88 -1.89
N GLU A 223 -7.32 -20.44 -2.95
CA GLU A 223 -5.92 -20.03 -2.86
CA GLU A 223 -5.91 -20.04 -2.83
C GLU A 223 -5.78 -18.72 -2.07
N ALA A 224 -6.67 -17.77 -2.39
CA ALA A 224 -6.74 -16.52 -1.66
C ALA A 224 -7.13 -16.77 -0.21
N LYS A 225 -8.06 -17.69 0.02
CA LYS A 225 -8.52 -17.98 1.39
C LYS A 225 -7.39 -18.45 2.31
N ILE A 226 -6.60 -19.40 1.82
CA ILE A 226 -5.47 -19.92 2.60
C ILE A 226 -4.25 -18.98 2.51
N GLY A 227 -4.20 -18.13 1.49
CA GLY A 227 -3.17 -17.10 1.42
C GLY A 227 -3.18 -16.22 2.67
N GLY A 228 -4.36 -15.97 3.23
CA GLY A 228 -4.46 -15.13 4.41
C GLY A 228 -4.42 -13.66 4.05
N MET A 229 -4.17 -12.82 5.06
CA MET A 229 -4.16 -11.38 4.87
C MET A 229 -3.03 -10.72 5.62
N ILE A 230 -2.42 -9.74 4.96
CA ILE A 230 -1.46 -8.85 5.60
C ILE A 230 -2.07 -7.45 5.50
N ILE A 231 -2.36 -6.87 6.67
CA ILE A 231 -3.18 -5.65 6.72
C ILE A 231 -2.33 -4.50 7.29
N ASN A 232 -2.12 -3.46 6.47
CA ASN A 232 -1.34 -2.27 6.86
C ASN A 232 -2.33 -1.22 7.40
N THR A 233 -2.04 -0.67 8.57
CA THR A 233 -2.85 0.40 9.15
C THR A 233 -2.12 1.72 8.96
N CYS A 234 -2.82 2.83 9.19
CA CYS A 234 -2.13 4.10 9.15
C CYS A 234 -1.33 4.32 10.45
N GLY A 235 -0.48 5.33 10.46
CA GLY A 235 0.33 5.64 11.63
C GLY A 235 -0.39 6.34 12.78
N TRP A 236 -1.70 6.50 12.72
CA TRP A 236 -2.44 7.20 13.80
C TRP A 236 -2.68 6.22 14.96
N VAL A 237 -1.88 6.31 16.02
CA VAL A 237 -2.00 5.34 17.13
C VAL A 237 -2.56 5.95 18.45
N ASP A 238 -2.66 7.28 18.53
CA ASP A 238 -3.15 7.97 19.71
C ASP A 238 -4.63 8.30 19.52
N GLY A 239 -5.31 8.54 20.64
CA GLY A 239 -6.70 9.01 20.61
C GLY A 239 -7.63 8.09 19.83
N GLU A 240 -8.38 8.66 18.89
CA GLU A 240 -9.33 7.90 18.07
CA GLU A 240 -9.33 7.89 18.08
C GLU A 240 -8.65 6.93 17.11
N GLY A 241 -7.38 7.18 16.81
CA GLY A 241 -6.59 6.28 15.96
C GLY A 241 -6.43 4.93 16.62
N TYR A 242 -6.22 4.94 17.93
CA TYR A 242 -6.12 3.70 18.71
C TYR A 242 -7.38 2.85 18.57
N LYS A 243 -8.54 3.50 18.68
CA LYS A 243 -9.81 2.78 18.62
C LYS A 243 -10.01 2.18 17.23
N CYS A 244 -9.50 2.84 16.19
CA CYS A 244 -9.52 2.31 14.82
C CYS A 244 -8.74 1.01 14.72
N ILE A 245 -7.56 0.96 15.33
CA ILE A 245 -6.77 -0.29 15.36
C ILE A 245 -7.58 -1.45 15.97
N VAL A 246 -8.20 -1.21 17.11
CA VAL A 246 -8.97 -2.22 17.80
C VAL A 246 -10.15 -2.67 16.92
N LYS A 247 -10.88 -1.70 16.35
CA LYS A 247 -12.01 -2.03 15.45
C LYS A 247 -11.53 -2.80 14.21
N ALA A 248 -10.39 -2.42 13.65
CA ALA A 248 -9.84 -3.15 12.50
C ALA A 248 -9.49 -4.60 12.86
N ALA A 249 -8.89 -4.79 14.04
CA ALA A 249 -8.53 -6.13 14.49
C ALA A 249 -9.79 -7.00 14.58
N SER A 250 -10.87 -6.43 15.11
CA SER A 250 -12.16 -7.12 15.21
CA SER A 250 -12.16 -7.11 15.22
C SER A 250 -12.77 -7.39 13.84
N ALA A 251 -12.92 -6.34 13.03
CA ALA A 251 -13.56 -6.45 11.69
C ALA A 251 -12.91 -7.51 10.80
N PHE A 252 -11.58 -7.52 10.77
CA PHE A 252 -10.82 -8.47 9.97
C PHE A 252 -10.55 -9.79 10.66
N GLU A 253 -11.01 -9.95 11.89
CA GLU A 253 -10.81 -11.17 12.67
C GLU A 253 -9.36 -11.63 12.63
N VAL A 254 -8.45 -10.74 12.98
CA VAL A 254 -7.02 -11.03 12.85
C VAL A 254 -6.55 -12.05 13.90
N ASP A 255 -5.54 -12.84 13.54
CA ASP A 255 -4.96 -13.84 14.42
C ASP A 255 -3.69 -13.32 15.08
N VAL A 256 -3.05 -12.36 14.42
CA VAL A 256 -1.73 -11.88 14.82
C VAL A 256 -1.70 -10.35 14.69
N VAL A 257 -1.19 -9.69 15.72
CA VAL A 257 -0.93 -8.27 15.63
C VAL A 257 0.57 -8.04 15.82
N ILE A 258 1.16 -7.33 14.87
CA ILE A 258 2.59 -7.00 14.95
C ILE A 258 2.66 -5.53 15.26
N VAL A 259 3.21 -5.19 16.42
CA VAL A 259 3.41 -3.79 16.77
C VAL A 259 4.86 -3.43 16.45
N LEU A 260 5.06 -2.43 15.58
CA LEU A 260 6.42 -1.90 15.31
C LEU A 260 6.80 -0.71 16.18
N ASP A 261 7.77 -0.89 17.07
CA ASP A 261 8.41 0.21 17.81
C ASP A 261 7.41 1.08 18.56
N HIS A 262 6.59 0.48 19.43
CA HIS A 262 5.72 1.29 20.29
C HIS A 262 5.33 0.48 21.50
N GLU A 263 6.09 0.62 22.58
CA GLU A 263 5.89 -0.25 23.72
C GLU A 263 4.56 0.03 24.45
N ARG A 264 4.16 1.29 24.51
CA ARG A 264 2.89 1.63 25.15
C ARG A 264 1.74 1.01 24.38
N LEU A 265 1.75 1.19 23.05
CA LEU A 265 0.71 0.64 22.19
C LEU A 265 0.63 -0.89 22.34
N TYR A 266 1.79 -1.54 22.39
CA TYR A 266 1.87 -2.98 22.64
C TYR A 266 1.24 -3.34 23.99
N SER A 267 1.59 -2.59 25.05
CA SER A 267 1.01 -2.80 26.38
CA SER A 267 1.01 -2.81 26.38
C SER A 267 -0.53 -2.65 26.36
N ASP A 268 -1.02 -1.57 25.75
CA ASP A 268 -2.47 -1.35 25.66
C ASP A 268 -3.22 -2.45 24.90
N LEU A 269 -2.70 -2.85 23.74
CA LEU A 269 -3.38 -3.86 22.96
C LEU A 269 -3.38 -5.23 23.65
N SER A 270 -2.31 -5.53 24.40
CA SER A 270 -2.25 -6.80 25.14
C SER A 270 -3.43 -6.96 26.11
N LYS A 271 -3.89 -5.85 26.70
CA LYS A 271 -4.97 -5.91 27.68
C LYS A 271 -6.35 -5.85 27.02
N GLU A 272 -6.41 -5.37 25.78
CA GLU A 272 -7.69 -5.16 25.11
C GLU A 272 -8.09 -6.27 24.13
N LEU A 273 -7.14 -6.75 23.34
CA LEU A 273 -7.42 -7.76 22.32
C LEU A 273 -7.89 -9.07 22.94
N PRO A 274 -8.73 -9.86 22.21
CA PRO A 274 -9.10 -11.17 22.75
C PRO A 274 -7.84 -12.00 22.96
N GLU A 275 -7.86 -12.86 23.98
CA GLU A 275 -6.67 -13.62 24.40
C GLU A 275 -6.09 -14.53 23.31
N PHE A 276 -6.93 -14.99 22.39
CA PHE A 276 -6.47 -15.84 21.28
C PHE A 276 -5.51 -15.13 20.30
N VAL A 277 -5.55 -13.80 20.28
CA VAL A 277 -4.73 -13.01 19.35
C VAL A 277 -3.27 -12.97 19.80
N ARG A 278 -2.37 -13.40 18.93
CA ARG A 278 -0.95 -13.34 19.25
C ARG A 278 -0.40 -11.95 18.93
N LEU A 279 0.14 -11.29 19.95
CA LEU A 279 0.68 -9.95 19.78
CA LEU A 279 0.70 -9.95 19.79
C LEU A 279 2.20 -10.03 19.90
N THR A 280 2.88 -9.49 18.90
CA THR A 280 4.34 -9.48 18.86
C THR A 280 4.88 -8.04 18.70
N HIS A 281 5.76 -7.65 19.62
CA HIS A 281 6.40 -6.35 19.50
C HIS A 281 7.73 -6.54 18.82
N VAL A 282 7.97 -5.71 17.80
CA VAL A 282 9.21 -5.80 17.05
CA VAL A 282 9.16 -5.80 16.96
C VAL A 282 9.82 -4.40 16.86
N PRO A 283 11.18 -4.33 16.87
CA PRO A 283 11.81 -3.00 16.70
C PRO A 283 11.74 -2.51 15.24
N LYS A 284 11.92 -1.20 15.04
CA LYS A 284 11.99 -0.69 13.67
C LYS A 284 13.43 -0.90 13.21
N SER A 285 13.63 -1.03 11.90
CA SER A 285 14.97 -1.05 11.36
C SER A 285 15.63 0.31 11.54
N GLY A 286 16.93 0.31 11.81
CA GLY A 286 17.73 1.51 11.83
C GLY A 286 17.83 2.16 10.45
N GLY A 287 17.45 1.45 9.39
CA GLY A 287 17.46 2.06 8.06
C GLY A 287 16.23 2.90 7.71
N VAL A 288 15.17 2.87 8.54
CA VAL A 288 13.94 3.62 8.19
C VAL A 288 14.18 5.14 8.21
N GLU A 289 13.83 5.81 7.09
CA GLU A 289 13.89 7.28 6.99
C GLU A 289 12.70 7.91 7.72
N GLN A 290 12.98 8.85 8.61
CA GLN A 290 11.94 9.64 9.25
C GLN A 290 11.63 10.78 8.30
N ARG A 291 10.37 10.88 7.86
CA ARG A 291 10.01 11.87 6.84
C ARG A 291 9.13 13.01 7.36
N THR A 292 9.37 14.21 6.86
CA THR A 292 8.61 15.39 7.25
C THR A 292 7.21 15.43 6.62
N GLY A 293 6.32 16.23 7.19
CA GLY A 293 4.99 16.44 6.62
C GLY A 293 5.06 16.89 5.17
N GLN A 294 6.03 17.74 4.87
CA GLN A 294 6.24 18.31 3.55
C GLN A 294 6.55 17.24 2.52
N ILE A 295 7.49 16.35 2.85
CA ILE A 295 7.84 15.23 1.95
CA ILE A 295 7.86 15.20 2.00
C ILE A 295 6.67 14.24 1.81
N ARG A 296 5.93 14.02 2.89
CA ARG A 296 4.76 13.15 2.86
C ARG A 296 3.73 13.69 1.89
N SER A 297 3.56 15.01 1.88
CA SER A 297 2.62 15.67 0.98
CA SER A 297 2.61 15.67 0.97
C SER A 297 3.04 15.51 -0.48
N LYS A 298 4.31 15.80 -0.77
CA LYS A 298 4.90 15.55 -2.09
C LYS A 298 4.70 14.09 -2.51
N MET A 299 4.84 13.18 -1.56
CA MET A 299 4.68 11.76 -1.88
C MET A 299 3.25 11.36 -2.23
N ARG A 300 2.27 11.94 -1.54
CA ARG A 300 0.86 11.72 -1.93
C ARG A 300 0.67 12.21 -3.37
N GLY A 301 1.29 13.34 -3.71
CA GLY A 301 1.23 13.91 -5.06
C GLY A 301 1.77 12.94 -6.11
N GLU A 302 2.92 12.34 -5.79
CA GLU A 302 3.60 11.42 -6.70
C GLU A 302 2.76 10.17 -6.88
N ASN A 303 2.08 9.75 -5.82
CA ASN A 303 1.16 8.62 -5.88
C ASN A 303 0.01 8.87 -6.88
N VAL A 304 -0.65 10.02 -6.76
CA VAL A 304 -1.64 10.43 -7.77
C VAL A 304 -1.04 10.45 -9.18
N HIS A 305 0.11 11.11 -9.34
CA HIS A 305 0.77 11.11 -10.65
C HIS A 305 0.95 9.70 -11.20
N ARG A 306 1.38 8.77 -10.33
CA ARG A 306 1.64 7.38 -10.72
C ARG A 306 0.36 6.64 -11.12
N TYR A 307 -0.71 6.87 -10.36
CA TYR A 307 -1.99 6.27 -10.72
C TYR A 307 -2.36 6.53 -12.18
N PHE A 308 -2.15 7.74 -12.68
CA PHE A 308 -2.49 8.06 -14.07
C PHE A 308 -1.41 7.74 -15.08
N TYR A 309 -0.16 8.00 -14.71
CA TYR A 309 0.92 7.99 -15.70
C TYR A 309 1.87 6.79 -15.57
N GLY A 310 1.67 5.99 -14.53
CA GLY A 310 2.45 4.79 -14.32
C GLY A 310 3.85 5.14 -13.88
N THR A 311 4.82 4.32 -14.29
CA THR A 311 6.19 4.49 -13.83
C THR A 311 7.11 4.64 -15.04
N ARG A 312 8.39 4.88 -14.79
CA ARG A 312 9.36 4.98 -15.88
C ARG A 312 9.55 3.62 -16.56
N ALA A 313 9.50 2.56 -15.76
CA ALA A 313 9.54 1.18 -16.26
C ALA A 313 8.31 0.82 -17.08
N ASN A 314 7.12 1.06 -16.53
CA ASN A 314 5.85 0.72 -17.18
C ASN A 314 4.92 1.91 -17.23
N ASN A 315 5.06 2.71 -18.28
CA ASN A 315 4.29 3.94 -18.44
C ASN A 315 2.83 3.62 -18.67
N LEU A 316 1.97 4.49 -18.16
CA LEU A 316 0.57 4.44 -18.51
C LEU A 316 0.27 5.66 -19.37
N TYR A 317 -0.72 5.53 -20.23
CA TYR A 317 -1.06 6.58 -21.18
C TYR A 317 -2.51 6.99 -20.96
N PRO A 318 -2.75 7.96 -20.05
CA PRO A 318 -4.11 8.34 -19.69
C PRO A 318 -4.73 9.25 -20.75
N PHE A 319 -6.06 9.28 -20.79
CA PHE A 319 -6.78 10.08 -21.79
C PHE A 319 -7.27 11.36 -21.16
N THR A 320 -7.30 12.41 -21.97
CA THR A 320 -7.84 13.70 -21.58
C THR A 320 -8.98 13.99 -22.54
N PHE A 321 -10.19 14.10 -22.02
CA PHE A 321 -11.37 14.41 -22.82
C PHE A 321 -12.39 15.17 -21.99
N ASP A 322 -13.32 15.79 -22.70
CA ASP A 322 -14.38 16.58 -22.12
C ASP A 322 -15.61 15.70 -21.84
N VAL A 323 -16.26 15.97 -20.72
CA VAL A 323 -17.47 15.26 -20.33
C VAL A 323 -18.57 16.28 -20.08
N SER A 324 -19.76 16.02 -20.61
CA SER A 324 -20.91 16.87 -20.36
C SER A 324 -21.47 16.63 -18.95
N PHE A 325 -21.79 17.72 -18.25
CA PHE A 325 -22.45 17.63 -16.94
C PHE A 325 -23.85 17.04 -17.01
N ASP A 326 -24.39 16.93 -18.23
CA ASP A 326 -25.68 16.26 -18.43
C ASP A 326 -25.52 14.75 -18.41
N ASP A 327 -24.32 14.27 -18.70
CA ASP A 327 -24.06 12.83 -18.85
C ASP A 327 -23.55 12.17 -17.56
N VAL A 328 -23.21 12.98 -16.54
CA VAL A 328 -22.77 12.44 -15.24
C VAL A 328 -23.58 13.02 -14.08
N THR A 329 -23.51 12.34 -12.95
CA THR A 329 -24.00 12.86 -11.69
C THR A 329 -22.79 12.97 -10.77
N LEU A 330 -22.62 14.13 -10.15
CA LEU A 330 -21.55 14.33 -9.17
C LEU A 330 -22.14 14.27 -7.78
N CYS A 331 -21.48 13.55 -6.87
CA CYS A 331 -21.96 13.42 -5.51
C CYS A 331 -20.81 13.35 -4.48
N LYS A 332 -21.13 13.59 -3.21
CA LYS A 332 -20.15 13.57 -2.12
C LYS A 332 -20.76 12.91 -0.87
N ILE A 333 -19.95 12.12 -0.17
CA ILE A 333 -20.39 11.48 1.08
C ILE A 333 -20.00 12.35 2.27
N GLY A 334 -20.99 12.62 3.12
CA GLY A 334 -20.79 13.40 4.35
C GLY A 334 -21.32 14.82 4.22
N GLU A 353 -22.43 12.82 8.46
CA GLU A 353 -21.21 12.13 8.05
C GLU A 353 -21.47 10.92 7.15
N THR A 354 -22.74 10.53 7.06
CA THR A 354 -23.13 9.30 6.33
C THR A 354 -23.82 9.59 5.00
N LYS A 355 -24.44 10.76 4.88
CA LYS A 355 -25.34 11.07 3.77
C LYS A 355 -24.64 11.38 2.45
N LEU A 356 -25.16 10.84 1.36
CA LEU A 356 -24.77 11.25 0.02
C LEU A 356 -25.47 12.56 -0.33
N VAL A 357 -24.73 13.48 -0.93
CA VAL A 357 -25.29 14.76 -1.38
C VAL A 357 -24.97 14.91 -2.86
N ILE A 358 -25.94 15.36 -3.65
CA ILE A 358 -25.72 15.61 -5.07
C ILE A 358 -25.03 16.97 -5.26
N MET A 359 -23.88 16.94 -5.94
CA MET A 359 -23.11 18.16 -6.19
C MET A 359 -23.50 18.82 -7.49
N GLU A 360 -23.75 20.11 -7.41
CA GLU A 360 -23.94 20.92 -8.60
C GLU A 360 -22.57 21.28 -9.15
N PRO A 361 -22.32 20.96 -10.44
CA PRO A 361 -21.07 21.31 -11.10
C PRO A 361 -20.69 22.75 -10.77
N SER A 362 -19.44 22.96 -10.38
CA SER A 362 -19.01 24.23 -9.84
C SER A 362 -17.52 24.42 -10.12
N ALA A 363 -17.04 25.65 -9.98
CA ALA A 363 -15.61 25.95 -10.15
C ALA A 363 -14.74 25.18 -9.13
N ASP A 364 -15.32 24.91 -7.96
CA ASP A 364 -14.59 24.32 -6.84
C ASP A 364 -14.26 22.81 -6.98
N ILE A 365 -14.78 22.16 -8.02
CA ILE A 365 -14.43 20.75 -8.27
C ILE A 365 -13.13 20.60 -9.05
N LYS A 366 -12.65 21.69 -9.62
CA LYS A 366 -11.40 21.70 -10.40
C LYS A 366 -10.22 21.20 -9.57
N HIS A 367 -9.39 20.34 -10.17
CA HIS A 367 -8.23 19.74 -9.51
C HIS A 367 -8.55 18.59 -8.55
N HIS A 368 -9.84 18.28 -8.37
CA HIS A 368 -10.19 17.18 -7.48
C HIS A 368 -10.25 15.86 -8.20
N LEU A 369 -9.88 14.80 -7.48
CA LEU A 369 -10.16 13.43 -7.91
C LEU A 369 -11.63 13.14 -7.71
N PHE A 370 -12.20 12.38 -8.63
CA PHE A 370 -13.51 11.80 -8.46
C PHE A 370 -13.39 10.34 -8.76
N ALA A 371 -14.11 9.54 -7.98
CA ALA A 371 -14.15 8.10 -8.14
C ALA A 371 -15.33 7.72 -9.01
N PHE A 372 -15.11 6.74 -9.89
CA PHE A 372 -16.19 6.14 -10.65
C PHE A 372 -16.86 5.07 -9.81
N SER A 373 -18.04 5.37 -9.27
CA SER A 373 -18.70 4.40 -8.41
C SER A 373 -19.24 3.21 -9.20
N ARG A 374 -19.18 2.03 -8.58
CA ARG A 374 -19.75 0.82 -9.19
C ARG A 374 -21.27 0.77 -9.06
N SER A 375 -21.84 1.57 -8.16
CA SER A 375 -23.31 1.65 -8.05
C SER A 375 -23.86 2.47 -9.21
N THR A 376 -24.83 1.88 -9.90
CA THR A 376 -25.40 2.46 -11.11
C THR A 376 -26.22 3.72 -10.83
N LYS A 377 -26.61 3.89 -9.58
CA LYS A 377 -27.42 5.04 -9.19
C LYS A 377 -26.73 5.82 -8.06
N ALA A 378 -26.94 7.13 -8.04
CA ALA A 378 -26.40 7.99 -7.01
C ALA A 378 -27.28 7.97 -5.75
N ASP A 379 -27.40 6.79 -5.14
CA ASP A 379 -28.28 6.59 -3.98
C ASP A 379 -27.53 6.04 -2.76
N GLU A 380 -28.28 5.52 -1.78
CA GLU A 380 -27.70 4.99 -0.54
C GLU A 380 -26.56 4.00 -0.82
N ASN A 381 -26.60 3.33 -1.97
CA ASN A 381 -25.63 2.31 -2.32
C ASN A 381 -24.21 2.80 -2.59
N VAL A 382 -24.06 4.06 -3.02
CA VAL A 382 -22.75 4.65 -3.34
C VAL A 382 -21.77 4.51 -2.15
N LEU A 383 -22.27 4.85 -0.97
CA LEU A 383 -21.53 4.82 0.30
C LEU A 383 -20.75 3.54 0.58
N LYS A 384 -21.33 2.38 0.27
CA LYS A 384 -20.68 1.09 0.54
C LYS A 384 -20.25 0.37 -0.75
N SER A 385 -20.29 1.08 -1.88
CA SER A 385 -19.91 0.49 -3.17
C SER A 385 -18.43 0.72 -3.43
N PRO A 386 -17.73 -0.32 -3.90
CA PRO A 386 -16.37 -0.11 -4.38
C PRO A 386 -16.38 0.74 -5.65
N VAL A 387 -15.20 1.13 -6.11
CA VAL A 387 -15.09 2.01 -7.28
C VAL A 387 -14.31 1.36 -8.43
N PHE A 388 -14.57 1.80 -9.66
CA PHE A 388 -13.86 1.32 -10.84
C PHE A 388 -12.48 1.90 -10.87
N GLY A 389 -12.36 3.12 -10.38
CA GLY A 389 -11.13 3.87 -10.49
C GLY A 389 -11.41 5.33 -10.32
N PHE A 390 -10.45 6.15 -10.76
CA PHE A 390 -10.50 7.59 -10.52
C PHE A 390 -10.29 8.38 -11.80
N CYS A 391 -10.75 9.62 -11.78
CA CYS A 391 -10.37 10.58 -12.79
C CYS A 391 -9.99 11.87 -12.09
N LEU A 392 -9.30 12.76 -12.79
CA LEU A 392 -8.92 14.04 -12.25
C LEU A 392 -9.58 15.12 -13.12
N VAL A 393 -10.28 16.04 -12.47
CA VAL A 393 -10.88 17.17 -13.14
C VAL A 393 -9.85 18.27 -13.35
N THR A 394 -9.51 18.51 -14.61
CA THR A 394 -8.43 19.44 -14.94
C THR A 394 -8.95 20.82 -15.31
N GLU A 395 -10.13 20.88 -15.91
CA GLU A 395 -10.74 22.15 -16.27
C GLU A 395 -12.25 22.05 -16.08
N VAL A 396 -12.89 23.18 -15.78
CA VAL A 396 -14.34 23.26 -15.71
C VAL A 396 -14.82 24.43 -16.56
N ASP A 397 -15.64 24.13 -17.56
CA ASP A 397 -16.28 25.17 -18.37
C ASP A 397 -17.76 25.22 -18.02
N LEU A 398 -18.10 26.11 -17.11
CA LEU A 398 -19.45 26.23 -16.59
C LEU A 398 -20.44 26.67 -17.67
N GLU A 399 -19.99 27.52 -18.59
CA GLU A 399 -20.86 28.02 -19.66
C GLU A 399 -21.28 26.93 -20.64
N LYS A 400 -20.32 26.14 -21.09
CA LYS A 400 -20.59 25.00 -21.97
C LYS A 400 -21.14 23.78 -21.21
N ARG A 401 -21.14 23.86 -19.89
CA ARG A 401 -21.56 22.73 -19.01
C ARG A 401 -20.73 21.46 -19.24
N THR A 402 -19.41 21.64 -19.36
CA THR A 402 -18.50 20.52 -19.53
C THR A 402 -17.33 20.64 -18.60
N MET A 403 -16.71 19.50 -18.32
CA MET A 403 -15.45 19.48 -17.61
C MET A 403 -14.46 18.68 -18.43
N SER A 404 -13.19 18.99 -18.23
CA SER A 404 -12.12 18.22 -18.82
CA SER A 404 -12.11 18.22 -18.81
C SER A 404 -11.56 17.32 -17.72
N ILE A 405 -11.44 16.03 -18.03
CA ILE A 405 -10.90 15.08 -17.06
C ILE A 405 -9.72 14.30 -17.61
N LEU A 406 -8.84 13.89 -16.70
CA LEU A 406 -7.81 12.93 -17.01
C LEU A 406 -8.30 11.59 -16.49
N CYS A 407 -8.23 10.55 -17.32
CA CYS A 407 -8.91 9.28 -17.06
C CYS A 407 -8.07 8.12 -17.59
N PRO A 408 -7.94 7.02 -16.80
CA PRO A 408 -7.17 5.83 -17.24
C PRO A 408 -7.71 5.19 -18.51
N GLN A 409 -9.00 5.36 -18.79
CA GLN A 409 -9.56 4.76 -19.99
C GLN A 409 -10.30 5.75 -20.90
N ARG A 410 -10.49 5.32 -22.14
CA ARG A 410 -11.03 6.13 -23.23
C ARG A 410 -12.42 6.72 -22.95
N THR A 411 -13.25 5.96 -22.24
CA THR A 411 -14.57 6.44 -21.85
C THR A 411 -14.73 6.19 -20.36
N ILE A 412 -15.67 6.89 -19.74
CA ILE A 412 -15.89 6.74 -18.31
C ILE A 412 -16.55 5.41 -17.99
N PRO A 413 -16.05 4.68 -16.97
CA PRO A 413 -16.65 3.37 -16.69
C PRO A 413 -17.96 3.47 -15.93
N SER A 414 -18.26 4.66 -15.40
CA SER A 414 -19.48 4.89 -14.64
C SER A 414 -19.96 6.31 -14.82
N LYS A 415 -21.27 6.51 -14.68
CA LYS A 415 -21.86 7.85 -14.81
C LYS A 415 -22.04 8.48 -13.44
N VAL A 416 -21.60 7.78 -12.39
CA VAL A 416 -21.71 8.29 -11.03
C VAL A 416 -20.32 8.67 -10.50
N LEU A 417 -20.06 9.96 -10.38
CA LEU A 417 -18.75 10.43 -9.95
C LEU A 417 -18.77 10.88 -8.48
N VAL A 418 -17.91 10.27 -7.67
CA VAL A 418 -17.91 10.56 -6.24
C VAL A 418 -16.71 11.41 -5.87
N PHE A 419 -17.02 12.54 -5.25
CA PHE A 419 -16.02 13.53 -4.83
C PHE A 419 -14.97 12.97 -3.86
N SER A 420 -13.74 13.40 -4.06
CA SER A 420 -12.67 13.18 -3.12
C SER A 420 -12.07 14.56 -2.85
N ASP A 421 -11.75 14.83 -1.59
CA ASP A 421 -11.07 16.07 -1.24
C ASP A 421 -9.60 16.09 -1.68
N ILE A 422 -9.08 14.98 -2.21
CA ILE A 422 -7.68 14.96 -2.66
C ILE A 422 -7.59 15.77 -3.96
N THR A 423 -6.67 16.74 -3.98
CA THR A 423 -6.42 17.52 -5.21
C THR A 423 -5.03 17.27 -5.78
N HIS A 424 -4.88 17.56 -7.07
CA HIS A 424 -3.63 17.35 -7.77
C HIS A 424 -3.53 18.31 -8.95
N LEU A 425 -2.40 19.01 -9.02
CA LEU A 425 -2.07 19.81 -10.18
C LEU A 425 -1.19 18.95 -11.09
N ASP A 426 -1.72 18.60 -12.26
CA ASP A 426 -0.98 17.79 -13.23
C ASP A 426 -0.25 18.69 -14.22
PG ANP C . 4.24 5.82 7.02
O1G ANP C . 4.30 6.84 5.91
O2G ANP C . 4.14 6.42 8.39
O3G ANP C . 3.29 4.67 6.82
PB ANP C . 6.16 3.48 7.14
O1B ANP C . 6.14 3.12 8.61
O2B ANP C . 5.20 2.62 6.36
N3B ANP C . 5.87 5.18 6.96
PA ANP C . 8.10 2.76 5.15
O1A ANP C . 8.09 1.26 5.24
O2A ANP C . 7.29 3.47 4.08
O3A ANP C . 7.68 3.35 6.57
O5' ANP C . 9.63 3.25 4.97
C5' ANP C . 10.02 4.63 4.93
C4' ANP C . 11.21 4.84 3.97
O4' ANP C . 12.39 4.19 4.48
C3' ANP C . 11.00 4.25 2.58
O3' ANP C . 11.74 5.03 1.62
C2' ANP C . 11.66 2.89 2.66
O2' ANP C . 12.09 2.47 1.38
C1' ANP C . 12.85 3.21 3.55
N9 ANP C . 13.34 2.02 4.29
C8 ANP C . 12.60 1.15 5.02
N7 ANP C . 13.40 0.21 5.57
C5 ANP C . 14.66 0.49 5.18
C6 ANP C . 15.99 -0.10 5.41
N6 ANP C . 16.11 -1.22 6.17
N1 ANP C . 17.07 0.51 4.84
C2 ANP C . 16.96 1.62 4.08
N3 ANP C . 15.76 2.21 3.83
C4 ANP C . 14.61 1.69 4.35
MG MG D . 3.48 3.14 5.41
O1 2PE E . 11.74 -22.27 1.88
C2 2PE E . 11.50 -21.12 1.05
C3 2PE E . 10.80 -20.06 1.90
O4 2PE E . 10.37 -18.97 1.09
C5 2PE E . 11.28 -17.87 1.06
C6 2PE E . 11.17 -17.00 2.30
O7 2PE E . 12.37 -16.22 2.40
C8 2PE E . 13.43 -16.87 3.08
C9 2PE E . 14.79 -16.38 2.62
O10 2PE E . 15.75 -17.42 2.88
#